data_6ZT2
#
_entry.id   6ZT2
#
_cell.length_a   91.171
_cell.length_b   91.171
_cell.length_c   133.470
_cell.angle_alpha   90.000
_cell.angle_beta   90.000
_cell.angle_gamma   90.000
#
_symmetry.space_group_name_H-M   'I 4 2 2'
#
loop_
_entity.id
_entity.type
_entity.pdbx_description
1 polymer '17-beta-hydroxysteroid dehydrogenase 14'
2 non-polymer beta-D-glucopyranose
3 non-polymer NICOTINAMIDE-ADENINE-DINUCLEOTIDE
4 non-polymer 3-chloranyl-2,6-bis(fluoranyl)phenol
5 non-polymer 'SODIUM ION'
6 water water
#
_entity_poly.entity_id   1
_entity_poly.type   'polypeptide(L)'
_entity_poly.pdbx_seq_one_letter_code
;MATGTRYAGKVVVVTGGGRGIGAGIVRAFVNSGARVVICDKDESGGRALEQELPGAVFILCDVTQEDDVKTLVSETIRRF
GRLDCVVNNAGHHPPPQRPEETSAQGFRQLLELNLLGTYTLTKLALPYLRKSQGNVINISSLVGAIGQAQAVPYVATKGA
VTAMTKALALDESPYGVRVNCISPGNIWTPLWEELAALMPDPRASIREGMLAQPLGRMGQPAEVGAAAVFLASEANFCTG
IELLVTGGAELGYGCKASRSTPVDAPDIPS
;
_entity_poly.pdbx_strand_id   A
#
loop_
_chem_comp.id
_chem_comp.type
_chem_comp.name
_chem_comp.formula
BGC D-saccharide, beta linking beta-D-glucopyranose 'C6 H12 O6'
NA non-polymer 'SODIUM ION' 'Na 1'
NAD non-polymer NICOTINAMIDE-ADENINE-DINUCLEOTIDE 'C21 H27 N7 O14 P2'
QPK non-polymer 3-chloranyl-2,6-bis(fluoranyl)phenol 'C6 H3 Cl F2 O'
#
# COMPACT_ATOMS: atom_id res chain seq x y z
N THR A 5 12.85 -11.41 14.40
CA THR A 5 13.73 -10.30 14.79
C THR A 5 14.40 -9.57 13.61
N ARG A 6 13.92 -9.81 12.38
CA ARG A 6 14.52 -9.14 11.22
C ARG A 6 14.35 -7.63 11.29
N TYR A 7 13.27 -7.16 11.91
CA TYR A 7 13.00 -5.73 12.02
C TYR A 7 12.67 -5.36 13.47
N ALA A 8 13.35 -6.03 14.41
CA ALA A 8 13.11 -5.78 15.83
C ALA A 8 13.53 -4.37 16.22
N GLY A 9 12.79 -3.80 17.18
CA GLY A 9 13.04 -2.47 17.70
C GLY A 9 12.62 -1.34 16.79
N LYS A 10 12.01 -1.66 15.65
CA LYS A 10 11.60 -0.67 14.66
C LYS A 10 10.09 -0.39 14.78
N VAL A 11 9.69 0.80 14.30
CA VAL A 11 8.31 1.25 14.38
C VAL A 11 7.81 1.52 12.95
N VAL A 12 6.67 0.92 12.59
CA VAL A 12 6.14 0.96 11.23
C VAL A 12 4.71 1.50 11.27
N VAL A 13 4.39 2.40 10.35
CA VAL A 13 3.01 2.86 10.16
C VAL A 13 2.51 2.27 8.84
N VAL A 14 1.32 1.65 8.88
CA VAL A 14 0.71 1.07 7.68
C VAL A 14 -0.66 1.72 7.51
N THR A 15 -0.84 2.46 6.42
CA THR A 15 -2.15 3.04 6.15
C THR A 15 -3.04 2.04 5.45
N GLY A 16 -4.35 2.19 5.65
CA GLY A 16 -5.30 1.19 5.22
C GLY A 16 -4.98 -0.20 5.72
N GLY A 17 -4.43 -0.32 6.93
CA GLY A 17 -4.03 -1.61 7.45
C GLY A 17 -5.11 -2.44 8.10
N GLY A 18 -6.38 -2.03 7.99
CA GLY A 18 -7.43 -2.75 8.69
C GLY A 18 -7.89 -4.03 8.03
N ARG A 19 -7.67 -4.18 6.71
CA ARG A 19 -8.07 -5.39 6.00
C ARG A 19 -7.22 -5.50 4.74
N GLY A 20 -7.40 -6.61 4.03
CA GLY A 20 -6.79 -6.74 2.70
C GLY A 20 -5.28 -6.74 2.75
N ILE A 21 -4.68 -6.16 1.71
CA ILE A 21 -3.22 -6.10 1.62
C ILE A 21 -2.62 -5.43 2.84
N GLY A 22 -3.21 -4.31 3.28
CA GLY A 22 -2.66 -3.60 4.44
C GLY A 22 -2.58 -4.48 5.67
N ALA A 23 -3.63 -5.26 5.93
CA ALA A 23 -3.60 -6.17 7.07
C ALA A 23 -2.52 -7.22 6.90
N GLY A 24 -2.32 -7.71 5.67
CA GLY A 24 -1.22 -8.64 5.44
C GLY A 24 0.13 -8.03 5.74
N ILE A 25 0.31 -6.76 5.37
CA ILE A 25 1.55 -6.04 5.64
C ILE A 25 1.72 -5.82 7.14
N VAL A 26 0.64 -5.46 7.85
CA VAL A 26 0.72 -5.36 9.31
C VAL A 26 1.24 -6.66 9.91
N ARG A 27 0.62 -7.78 9.54
CA ARG A 27 0.99 -9.06 10.14
C ARG A 27 2.44 -9.43 9.86
N ALA A 28 2.90 -9.15 8.63
CA ALA A 28 4.27 -9.46 8.27
C ALA A 28 5.27 -8.67 9.10
N PHE A 29 5.02 -7.38 9.32
CA PHE A 29 5.95 -6.59 10.14
C PHE A 29 5.90 -7.03 11.61
N VAL A 30 4.71 -7.27 12.16
CA VAL A 30 4.63 -7.80 13.53
C VAL A 30 5.42 -9.09 13.65
N ASN A 31 5.27 -9.98 12.66
CA ASN A 31 6.01 -11.25 12.66
C ASN A 31 7.51 -11.03 12.55
N SER A 32 7.95 -9.88 12.05
N SER A 32 7.94 -9.87 12.04
CA SER A 32 9.36 -9.58 11.95
CA SER A 32 9.35 -9.55 11.92
C SER A 32 9.89 -8.78 13.13
C SER A 32 9.92 -8.91 13.18
N GLY A 33 9.09 -8.64 14.19
CA GLY A 33 9.56 -8.03 15.43
C GLY A 33 9.26 -6.55 15.59
N ALA A 34 8.68 -5.90 14.59
CA ALA A 34 8.41 -4.47 14.65
C ALA A 34 7.14 -4.18 15.45
N ARG A 35 7.05 -2.95 15.94
CA ARG A 35 5.77 -2.42 16.43
C ARG A 35 5.10 -1.68 15.29
N VAL A 36 3.80 -1.89 15.13
CA VAL A 36 3.10 -1.41 13.95
C VAL A 36 1.93 -0.54 14.39
N VAL A 37 1.83 0.65 13.83
CA VAL A 37 0.64 1.48 13.98
C VAL A 37 -0.27 1.22 12.78
N ILE A 38 -1.47 0.70 13.03
CA ILE A 38 -2.48 0.48 11.99
C ILE A 38 -3.29 1.76 11.82
N CYS A 39 -3.20 2.37 10.63
CA CYS A 39 -4.03 3.52 10.33
C CYS A 39 -5.15 3.06 9.41
N ASP A 40 -6.38 3.45 9.70
CA ASP A 40 -7.49 3.15 8.80
C ASP A 40 -8.62 4.12 9.08
N LYS A 41 -9.45 4.38 8.04
CA LYS A 41 -10.60 5.25 8.21
C LYS A 41 -11.80 4.50 8.79
N ASP A 42 -11.77 3.17 8.73
CA ASP A 42 -12.82 2.32 9.26
C ASP A 42 -12.31 1.62 10.50
N GLU A 43 -13.13 1.62 11.56
CA GLU A 43 -12.72 1.13 12.86
C GLU A 43 -12.73 -0.41 12.94
N SER A 44 -13.62 -1.06 12.20
CA SER A 44 -13.96 -2.46 12.42
C SER A 44 -12.73 -3.37 12.32
N GLY A 45 -12.10 -3.41 11.15
CA GLY A 45 -10.98 -4.33 10.96
C GLY A 45 -9.79 -3.96 11.81
N GLY A 46 -9.43 -2.67 11.82
CA GLY A 46 -8.22 -2.25 12.53
C GLY A 46 -8.28 -2.49 14.02
N ARG A 47 -9.42 -2.19 14.65
CA ARG A 47 -9.54 -2.40 16.10
C ARG A 47 -9.40 -3.87 16.45
N ALA A 48 -10.00 -4.75 15.64
CA ALA A 48 -9.88 -6.17 15.92
C ALA A 48 -8.44 -6.63 15.76
N LEU A 49 -7.74 -6.09 14.76
CA LEU A 49 -6.34 -6.45 14.52
C LEU A 49 -5.46 -6.06 15.70
N GLU A 50 -5.73 -4.90 16.29
CA GLU A 50 -4.97 -4.47 17.46
C GLU A 50 -5.21 -5.39 18.65
N GLN A 51 -6.44 -5.88 18.82
CA GLN A 51 -6.69 -6.83 19.90
C GLN A 51 -5.97 -8.15 19.64
N GLU A 52 -5.86 -8.53 18.37
CA GLU A 52 -5.29 -9.82 18.01
C GLU A 52 -3.76 -9.84 18.12
N LEU A 53 -3.09 -8.76 17.73
CA LEU A 53 -1.63 -8.77 17.59
C LEU A 53 -1.00 -7.89 18.66
N PRO A 54 -0.30 -8.47 19.65
N PRO A 54 -0.18 -8.43 19.57
CA PRO A 54 0.55 -7.65 20.51
CA PRO A 54 0.36 -7.59 20.66
C PRO A 54 1.63 -6.98 19.69
C PRO A 54 1.20 -6.40 20.19
N GLY A 55 1.90 -5.72 20.01
N GLY A 55 1.99 -6.56 19.12
CA GLY A 55 2.79 -4.91 19.23
CA GLY A 55 2.86 -5.49 18.69
C GLY A 55 2.12 -4.06 18.17
C GLY A 55 2.23 -4.48 17.75
N ALA A 56 0.90 -4.39 17.75
CA ALA A 56 0.14 -3.55 16.82
C ALA A 56 -0.88 -2.73 17.59
N VAL A 57 -1.03 -1.46 17.21
CA VAL A 57 -2.06 -0.59 17.78
C VAL A 57 -2.79 0.09 16.64
N PHE A 58 -4.06 0.43 16.87
CA PHE A 58 -4.90 1.04 15.85
C PHE A 58 -5.12 2.52 16.12
N ILE A 59 -4.90 3.35 15.11
CA ILE A 59 -5.19 4.77 15.20
C ILE A 59 -6.11 5.15 14.04
N LEU A 60 -7.30 5.62 14.38
CA LEU A 60 -8.26 6.07 13.37
C LEU A 60 -7.70 7.26 12.61
N CYS A 61 -7.65 7.14 11.28
CA CYS A 61 -7.05 8.20 10.48
C CYS A 61 -7.51 8.05 9.03
N ASP A 62 -8.06 9.13 8.50
CA ASP A 62 -8.40 9.24 7.08
C ASP A 62 -7.26 9.99 6.40
N VAL A 63 -6.51 9.30 5.53
CA VAL A 63 -5.32 9.92 4.95
C VAL A 63 -5.64 11.10 4.05
N THR A 64 -6.91 11.31 3.68
CA THR A 64 -7.24 12.49 2.90
C THR A 64 -7.44 13.73 3.78
N GLN A 65 -7.39 13.58 5.09
CA GLN A 65 -7.59 14.69 6.01
C GLN A 65 -6.24 15.04 6.64
N GLU A 66 -5.70 16.21 6.28
CA GLU A 66 -4.34 16.57 6.68
C GLU A 66 -4.17 16.56 8.20
N ASP A 67 -5.19 17.02 8.94
CA ASP A 67 -5.08 17.02 10.40
C ASP A 67 -5.11 15.60 10.97
N ASP A 68 -5.89 14.69 10.36
CA ASP A 68 -5.83 13.28 10.75
C ASP A 68 -4.40 12.76 10.64
N VAL A 69 -3.72 13.11 9.54
CA VAL A 69 -2.39 12.57 9.28
C VAL A 69 -1.38 13.21 10.22
N LYS A 70 -1.51 14.51 10.47
CA LYS A 70 -0.64 15.16 11.45
C LYS A 70 -0.75 14.47 12.80
N THR A 71 -1.98 14.13 13.22
CA THR A 71 -2.18 13.49 14.50
C THR A 71 -1.62 12.07 14.50
N LEU A 72 -1.76 11.37 13.36
CA LEU A 72 -1.20 10.03 13.24
C LEU A 72 0.32 10.03 13.50
N VAL A 73 1.04 10.96 12.87
CA VAL A 73 2.49 10.99 13.06
C VAL A 73 2.83 11.37 14.50
N SER A 74 2.21 12.43 15.02
CA SER A 74 2.57 12.87 16.37
C SER A 74 2.20 11.82 17.43
N GLU A 75 1.10 11.11 17.23
CA GLU A 75 0.75 10.05 18.18
C GLU A 75 1.71 8.88 18.09
N THR A 76 2.16 8.54 16.87
CA THR A 76 3.14 7.48 16.70
C THR A 76 4.44 7.80 17.47
N ILE A 77 4.93 9.04 17.33
CA ILE A 77 6.16 9.45 18.03
C ILE A 77 5.93 9.49 19.53
N ARG A 78 4.80 10.05 19.96
CA ARG A 78 4.53 10.18 21.39
C ARG A 78 4.48 8.81 22.05
N ARG A 79 3.85 7.84 21.38
CA ARG A 79 3.66 6.53 22.00
C ARG A 79 4.87 5.60 21.80
N PHE A 80 5.65 5.76 20.73
CA PHE A 80 6.70 4.79 20.46
C PHE A 80 8.10 5.39 20.31
N GLY A 81 8.23 6.70 20.18
CA GLY A 81 9.51 7.35 20.31
C GLY A 81 10.38 7.35 19.07
N ARG A 82 9.92 6.77 17.96
CA ARG A 82 10.70 6.75 16.72
C ARG A 82 9.78 6.34 15.60
N LEU A 83 10.27 6.47 14.37
CA LEU A 83 9.49 6.04 13.21
C LEU A 83 10.47 5.57 12.15
N ASP A 84 10.39 4.30 11.76
CA ASP A 84 11.35 3.72 10.86
C ASP A 84 10.83 3.45 9.46
N CYS A 85 9.54 3.21 9.30
CA CYS A 85 9.02 2.84 7.98
C CYS A 85 7.57 3.27 7.88
N VAL A 86 7.23 3.87 6.73
CA VAL A 86 5.86 4.24 6.42
C VAL A 86 5.44 3.43 5.21
N VAL A 87 4.33 2.69 5.32
CA VAL A 87 3.80 1.92 4.21
C VAL A 87 2.51 2.60 3.76
N ASN A 88 2.53 3.23 2.59
CA ASN A 88 1.37 3.95 2.04
C ASN A 88 0.57 2.96 1.21
N ASN A 89 -0.40 2.31 1.87
CA ASN A 89 -1.24 1.28 1.26
C ASN A 89 -2.68 1.71 1.08
N ALA A 90 -3.17 2.70 1.85
CA ALA A 90 -4.53 3.19 1.66
C ALA A 90 -4.77 3.56 0.20
N GLY A 91 -5.87 3.09 -0.34
CA GLY A 91 -6.20 3.36 -1.73
C GLY A 91 -7.46 2.64 -2.08
N HIS A 92 -8.00 2.98 -3.25
CA HIS A 92 -9.27 2.40 -3.67
C HIS A 92 -9.27 2.25 -5.19
N HIS A 93 -9.87 1.16 -5.66
CA HIS A 93 -10.12 0.93 -7.09
C HIS A 93 -11.62 1.04 -7.34
N PRO A 94 -12.09 2.04 -8.08
CA PRO A 94 -13.54 2.15 -8.36
C PRO A 94 -14.00 1.00 -9.23
N PRO A 95 -15.32 0.79 -9.33
CA PRO A 95 -15.84 -0.21 -10.28
C PRO A 95 -15.45 0.17 -11.70
N PRO A 96 -15.48 -0.79 -12.63
CA PRO A 96 -15.15 -0.47 -14.03
C PRO A 96 -15.97 0.71 -14.54
N GLN A 97 -15.29 1.62 -15.24
CA GLN A 97 -15.93 2.82 -15.79
C GLN A 97 -15.34 3.11 -17.15
N ARG A 98 -16.19 3.13 -18.18
CA ARG A 98 -15.78 3.62 -19.50
C ARG A 98 -15.28 5.06 -19.36
N PRO A 99 -14.31 5.48 -20.18
CA PRO A 99 -13.80 6.85 -20.05
C PRO A 99 -14.87 7.91 -20.12
N GLU A 100 -15.90 7.74 -20.96
CA GLU A 100 -16.93 8.75 -21.03
C GLU A 100 -17.85 8.76 -19.81
N GLU A 101 -17.80 7.71 -19.00
CA GLU A 101 -18.55 7.68 -17.75
C GLU A 101 -17.80 8.27 -16.57
N THR A 102 -16.51 8.57 -16.73
CA THR A 102 -15.74 9.18 -15.65
C THR A 102 -16.01 10.68 -15.58
N SER A 103 -15.60 11.30 -14.47
CA SER A 103 -15.74 12.73 -14.31
C SER A 103 -14.46 13.31 -13.73
N ALA A 104 -14.19 14.58 -14.06
CA ALA A 104 -13.07 15.27 -13.43
C ALA A 104 -13.23 15.30 -11.91
N GLN A 105 -14.47 15.38 -11.42
CA GLN A 105 -14.72 15.37 -9.98
C GLN A 105 -14.30 14.05 -9.35
N GLY A 106 -14.75 12.94 -9.93
CA GLY A 106 -14.36 11.65 -9.39
C GLY A 106 -12.88 11.40 -9.52
N PHE A 107 -12.28 11.90 -10.59
CA PHE A 107 -10.84 11.79 -10.79
C PHE A 107 -10.10 12.52 -9.67
N ARG A 108 -10.53 13.74 -9.33
CA ARG A 108 -9.89 14.49 -8.26
C ARG A 108 -9.99 13.77 -6.93
N GLN A 109 -11.19 13.25 -6.61
CA GLN A 109 -11.38 12.53 -5.35
C GLN A 109 -10.48 11.29 -5.28
N LEU A 110 -10.33 10.58 -6.40
CA LEU A 110 -9.45 9.40 -6.38
C LEU A 110 -7.99 9.82 -6.24
N LEU A 111 -7.58 10.90 -6.91
CA LEU A 111 -6.25 11.44 -6.71
C LEU A 111 -6.02 11.79 -5.24
N GLU A 112 -7.07 12.30 -4.58
CA GLU A 112 -6.92 12.72 -3.20
C GLU A 112 -6.55 11.54 -2.30
N LEU A 113 -7.19 10.38 -2.52
CA LEU A 113 -6.85 9.20 -1.72
C LEU A 113 -5.58 8.51 -2.22
N ASN A 114 -5.56 8.13 -3.50
CA ASN A 114 -4.49 7.25 -3.99
C ASN A 114 -3.15 7.95 -4.07
N LEU A 115 -3.13 9.27 -4.24
CA LEU A 115 -1.86 9.97 -4.46
C LEU A 115 -1.55 11.00 -3.39
N LEU A 116 -2.48 11.90 -3.10
CA LEU A 116 -2.16 12.97 -2.16
C LEU A 116 -2.10 12.49 -0.73
N GLY A 117 -2.84 11.43 -0.39
CA GLY A 117 -2.76 10.87 0.95
C GLY A 117 -1.40 10.27 1.20
N THR A 118 -0.88 9.54 0.21
CA THR A 118 0.49 9.06 0.24
C THR A 118 1.48 10.21 0.34
N TYR A 119 1.30 11.25 -0.47
CA TYR A 119 2.18 12.42 -0.41
C TYR A 119 2.16 13.06 0.97
N THR A 120 0.97 13.22 1.57
CA THR A 120 0.86 13.95 2.83
C THR A 120 1.54 13.21 3.99
N LEU A 121 1.24 11.91 4.14
CA LEU A 121 1.88 11.18 5.23
C LEU A 121 3.38 11.11 5.04
N THR A 122 3.83 10.82 3.81
CA THR A 122 5.27 10.80 3.56
C THR A 122 5.92 12.11 3.99
N LYS A 123 5.33 13.24 3.58
CA LYS A 123 5.89 14.56 3.94
C LYS A 123 5.98 14.75 5.46
N LEU A 124 4.90 14.43 6.17
CA LEU A 124 4.90 14.62 7.62
C LEU A 124 5.85 13.66 8.33
N ALA A 125 6.09 12.49 7.75
CA ALA A 125 6.92 11.48 8.37
C ALA A 125 8.40 11.67 8.09
N LEU A 126 8.78 12.29 6.98
CA LEU A 126 10.18 12.34 6.57
C LEU A 126 11.12 12.94 7.60
N PRO A 127 10.77 13.97 8.39
CA PRO A 127 11.73 14.45 9.40
C PRO A 127 12.12 13.35 10.37
N TYR A 128 11.19 12.47 10.72
CA TYR A 128 11.49 11.39 11.66
C TYR A 128 12.20 10.25 10.97
N LEU A 129 11.83 9.97 9.72
CA LEU A 129 12.52 8.94 8.95
C LEU A 129 13.99 9.32 8.71
N ARG A 130 14.28 10.61 8.55
CA ARG A 130 15.66 11.04 8.41
C ARG A 130 16.46 10.76 9.67
N LYS A 131 15.86 10.99 10.84
CA LYS A 131 16.56 10.71 12.10
C LYS A 131 16.88 9.24 12.23
N SER A 132 16.00 8.36 11.75
CA SER A 132 16.15 6.93 11.92
C SER A 132 16.85 6.24 10.75
N GLN A 133 17.19 6.97 9.68
CA GLN A 133 17.57 6.37 8.41
C GLN A 133 16.51 5.35 7.98
N GLY A 134 15.25 5.75 8.10
CA GLY A 134 14.12 4.89 7.79
C GLY A 134 13.88 4.82 6.30
N ASN A 135 12.68 4.34 5.94
CA ASN A 135 12.37 4.17 4.53
C ASN A 135 10.87 4.25 4.30
N VAL A 136 10.51 4.52 3.05
CA VAL A 136 9.13 4.66 2.60
C VAL A 136 8.83 3.54 1.60
N ILE A 137 7.66 2.91 1.76
CA ILE A 137 7.19 1.87 0.85
C ILE A 137 5.79 2.26 0.38
N ASN A 138 5.65 2.55 -0.91
CA ASN A 138 4.38 2.90 -1.51
C ASN A 138 3.79 1.67 -2.21
N ILE A 139 2.50 1.42 -1.99
CA ILE A 139 1.83 0.32 -2.68
C ILE A 139 1.17 0.91 -3.92
N SER A 140 1.73 0.64 -5.09
CA SER A 140 1.20 1.17 -6.34
C SER A 140 0.34 0.07 -6.99
N SER A 141 0.51 -0.21 -8.29
CA SER A 141 -0.16 -1.32 -8.95
C SER A 141 0.54 -1.59 -10.28
N LEU A 142 0.53 -2.86 -10.68
CA LEU A 142 0.99 -3.23 -12.01
C LEU A 142 0.29 -2.42 -13.10
N VAL A 143 -0.98 -2.08 -12.91
CA VAL A 143 -1.69 -1.41 -14.02
C VAL A 143 -1.22 0.03 -14.17
N GLY A 144 -0.54 0.58 -13.18
CA GLY A 144 0.17 1.84 -13.40
C GLY A 144 1.21 1.73 -14.50
N ALA A 145 1.85 0.56 -14.64
CA ALA A 145 2.91 0.36 -15.62
C ALA A 145 2.38 -0.09 -16.98
N ILE A 146 1.35 -0.94 -17.01
CA ILE A 146 0.89 -1.56 -18.25
C ILE A 146 -0.52 -1.14 -18.64
N GLY A 147 -1.19 -0.33 -17.84
CA GLY A 147 -2.55 0.07 -18.15
C GLY A 147 -3.55 -1.03 -17.81
N GLN A 148 -4.82 -0.66 -17.87
CA GLN A 148 -5.95 -1.53 -17.58
C GLN A 148 -7.18 -0.92 -18.26
N ALA A 149 -8.11 -1.78 -18.65
CA ALA A 149 -9.33 -1.30 -19.29
C ALA A 149 -10.34 -0.81 -18.26
N GLN A 150 -11.12 0.20 -18.67
CA GLN A 150 -12.18 0.79 -17.86
C GLN A 150 -11.68 1.21 -16.47
N ALA A 151 -10.55 1.92 -16.45
CA ALA A 151 -9.97 2.38 -15.19
C ALA A 151 -9.03 3.57 -15.39
N VAL A 152 -9.41 4.51 -16.25
CA VAL A 152 -8.51 5.64 -16.55
C VAL A 152 -8.10 6.41 -15.30
N PRO A 153 -9.01 6.85 -14.42
CA PRO A 153 -8.54 7.56 -13.23
C PRO A 153 -7.67 6.69 -12.33
N TYR A 154 -8.07 5.44 -12.08
CA TYR A 154 -7.28 4.59 -11.19
C TYR A 154 -5.86 4.41 -11.73
N VAL A 155 -5.75 4.04 -13.00
CA VAL A 155 -4.44 3.83 -13.62
C VAL A 155 -3.58 5.08 -13.50
N ALA A 156 -4.16 6.25 -13.77
CA ALA A 156 -3.39 7.48 -13.66
C ALA A 156 -2.85 7.69 -12.25
N THR A 157 -3.66 7.41 -11.22
CA THR A 157 -3.18 7.61 -9.84
C THR A 157 -2.03 6.69 -9.50
N LYS A 158 -2.04 5.46 -10.02
CA LYS A 158 -0.93 4.56 -9.71
C LYS A 158 0.30 4.86 -10.54
N GLY A 159 0.12 5.34 -11.78
CA GLY A 159 1.25 5.86 -12.52
C GLY A 159 1.95 6.99 -11.78
N ALA A 160 1.17 7.87 -11.14
CA ALA A 160 1.76 8.97 -10.39
C ALA A 160 2.51 8.46 -9.17
N VAL A 161 1.94 7.48 -8.47
CA VAL A 161 2.58 6.97 -7.24
C VAL A 161 3.95 6.37 -7.57
N THR A 162 4.01 5.55 -8.64
CA THR A 162 5.24 4.90 -9.02
C THR A 162 6.30 5.91 -9.44
N ALA A 163 5.89 6.93 -10.21
CA ALA A 163 6.83 7.99 -10.59
C ALA A 163 7.26 8.82 -9.39
N MET A 164 6.31 9.20 -8.53
CA MET A 164 6.65 9.98 -7.34
C MET A 164 7.64 9.24 -6.44
N THR A 165 7.50 7.91 -6.36
CA THR A 165 8.45 7.08 -5.59
C THR A 165 9.88 7.29 -6.06
N LYS A 166 10.09 7.39 -7.38
CA LYS A 166 11.43 7.58 -7.92
C LYS A 166 11.94 8.99 -7.67
N ALA A 167 11.08 10.01 -7.85
CA ALA A 167 11.49 11.39 -7.57
C ALA A 167 11.89 11.55 -6.11
N LEU A 168 11.09 10.99 -5.19
CA LEU A 168 11.38 11.11 -3.77
C LEU A 168 12.65 10.37 -3.40
N ALA A 169 12.87 9.19 -4.00
CA ALA A 169 14.10 8.44 -3.77
C ALA A 169 15.34 9.27 -4.11
N LEU A 170 15.26 10.06 -5.20
CA LEU A 170 16.37 10.94 -5.56
C LEU A 170 16.55 12.04 -4.53
N ASP A 171 15.46 12.66 -4.08
CA ASP A 171 15.59 13.76 -3.14
C ASP A 171 16.10 13.28 -1.80
N GLU A 172 15.67 12.10 -1.36
CA GLU A 172 16.01 11.66 -0.01
C GLU A 172 17.29 10.83 0.05
N SER A 173 17.84 10.40 -1.08
CA SER A 173 19.07 9.61 -1.05
C SER A 173 20.22 10.28 -0.27
N PRO A 174 20.48 11.60 -0.37
CA PRO A 174 21.57 12.18 0.43
C PRO A 174 21.39 12.03 1.93
N TYR A 175 20.16 11.79 2.38
CA TYR A 175 19.87 11.65 3.80
C TYR A 175 19.78 10.19 4.22
N GLY A 176 20.10 9.26 3.32
CA GLY A 176 20.04 7.86 3.66
C GLY A 176 18.64 7.30 3.84
N VAL A 177 17.61 7.99 3.34
CA VAL A 177 16.23 7.52 3.42
C VAL A 177 15.86 6.91 2.07
N ARG A 178 15.59 5.61 2.06
CA ARG A 178 15.18 4.90 0.84
C ARG A 178 13.68 5.01 0.63
N VAL A 179 13.27 5.07 -0.64
CA VAL A 179 11.86 5.20 -1.03
C VAL A 179 11.63 4.20 -2.17
N ASN A 180 10.77 3.21 -1.93
CA ASN A 180 10.52 2.16 -2.91
C ASN A 180 9.02 1.95 -3.03
N CYS A 181 8.61 1.27 -4.09
CA CYS A 181 7.20 0.89 -4.19
C CYS A 181 7.07 -0.59 -4.56
N ILE A 182 5.91 -1.14 -4.19
CA ILE A 182 5.50 -2.48 -4.58
C ILE A 182 4.34 -2.32 -5.55
N SER A 183 4.40 -3.02 -6.68
CA SER A 183 3.31 -3.02 -7.66
C SER A 183 2.66 -4.39 -7.66
N PRO A 184 1.61 -4.60 -6.87
CA PRO A 184 0.92 -5.90 -6.92
C PRO A 184 0.10 -5.98 -8.20
N GLY A 185 -0.14 -7.23 -8.63
CA GLY A 185 -1.13 -7.50 -9.65
C GLY A 185 -2.40 -7.92 -8.94
N ASN A 186 -3.10 -8.92 -9.46
CA ASN A 186 -4.35 -9.38 -8.85
C ASN A 186 -4.06 -10.04 -7.51
N ILE A 187 -4.49 -9.42 -6.42
CA ILE A 187 -4.36 -9.98 -5.07
C ILE A 187 -5.77 -10.19 -4.53
N TRP A 188 -6.04 -11.38 -3.99
CA TRP A 188 -7.38 -11.69 -3.50
C TRP A 188 -7.59 -11.01 -2.15
N THR A 189 -8.40 -9.96 -2.15
CA THR A 189 -8.69 -9.08 -1.01
C THR A 189 -10.19 -8.81 -0.94
N PRO A 190 -10.69 -8.19 0.13
CA PRO A 190 -12.10 -7.80 0.14
C PRO A 190 -12.47 -6.87 -0.99
N LEU A 191 -11.54 -6.00 -1.42
CA LEU A 191 -11.82 -5.13 -2.55
C LEU A 191 -12.04 -5.95 -3.82
N TRP A 192 -11.15 -6.91 -4.11
CA TRP A 192 -11.34 -7.74 -5.29
C TRP A 192 -12.70 -8.46 -5.22
N GLU A 193 -13.03 -9.01 -4.04
CA GLU A 193 -14.28 -9.73 -3.88
C GLU A 193 -15.48 -8.81 -4.06
N GLU A 194 -15.43 -7.61 -3.46
CA GLU A 194 -16.50 -6.63 -3.67
C GLU A 194 -16.68 -6.30 -5.14
N LEU A 195 -15.57 -6.04 -5.84
CA LEU A 195 -15.65 -5.69 -7.25
C LEU A 195 -16.20 -6.84 -8.08
N ALA A 196 -15.76 -8.07 -7.79
CA ALA A 196 -16.31 -9.23 -8.49
C ALA A 196 -17.81 -9.37 -8.26
N ALA A 197 -18.29 -8.99 -7.07
CA ALA A 197 -19.70 -9.15 -6.76
C ALA A 197 -20.59 -8.27 -7.63
N LEU A 198 -20.06 -7.15 -8.15
CA LEU A 198 -20.82 -6.27 -9.01
C LEU A 198 -20.97 -6.80 -10.44
N MET A 199 -20.16 -7.78 -10.84
CA MET A 199 -20.19 -8.29 -12.20
C MET A 199 -21.40 -9.20 -12.41
N PRO A 200 -21.88 -9.32 -13.66
CA PRO A 200 -23.01 -10.22 -13.92
C PRO A 200 -22.78 -11.64 -13.43
N ASP A 201 -21.61 -12.19 -13.74
CA ASP A 201 -21.20 -13.51 -13.23
C ASP A 201 -19.96 -13.31 -12.36
N PRO A 202 -20.12 -13.19 -11.05
CA PRO A 202 -18.93 -13.02 -10.19
C PRO A 202 -17.92 -14.15 -10.30
N ARG A 203 -18.38 -15.41 -10.34
CA ARG A 203 -17.45 -16.53 -10.40
C ARG A 203 -16.65 -16.51 -11.69
N ALA A 204 -17.27 -16.10 -12.80
CA ALA A 204 -16.54 -15.98 -14.06
C ALA A 204 -15.51 -14.86 -14.00
N SER A 205 -15.85 -13.74 -13.36
CA SER A 205 -14.89 -12.66 -13.20
C SER A 205 -13.68 -13.12 -12.39
N ILE A 206 -13.92 -13.90 -11.34
CA ILE A 206 -12.83 -14.34 -10.48
C ILE A 206 -11.92 -15.33 -11.21
N ARG A 207 -12.50 -16.26 -11.98
CA ARG A 207 -11.69 -17.22 -12.73
C ARG A 207 -10.89 -16.52 -13.82
N GLU A 208 -11.47 -15.49 -14.44
CA GLU A 208 -10.72 -14.68 -15.39
C GLU A 208 -9.54 -14.00 -14.70
N GLY A 209 -9.76 -13.47 -13.49
CA GLY A 209 -8.67 -12.83 -12.75
C GLY A 209 -7.57 -13.79 -12.36
N MET A 210 -7.94 -15.03 -12.00
CA MET A 210 -6.92 -16.04 -11.67
C MET A 210 -6.06 -16.38 -12.88
N LEU A 211 -6.68 -16.52 -14.05
CA LEU A 211 -5.97 -16.95 -15.24
C LEU A 211 -5.19 -15.82 -15.90
N ALA A 212 -5.34 -14.59 -15.42
CA ALA A 212 -4.53 -13.48 -15.88
C ALA A 212 -3.06 -13.66 -15.55
N GLN A 213 -2.73 -14.55 -14.61
CA GLN A 213 -1.36 -14.81 -14.19
C GLN A 213 -0.90 -16.14 -14.72
N PRO A 214 0.31 -16.23 -15.30
CA PRO A 214 0.84 -17.55 -15.67
C PRO A 214 0.85 -18.54 -14.52
N LEU A 215 1.00 -18.08 -13.26
CA LEU A 215 0.90 -18.97 -12.11
C LEU A 215 -0.51 -19.52 -11.89
N GLY A 216 -1.53 -19.00 -12.57
CA GLY A 216 -2.88 -19.54 -12.48
C GLY A 216 -3.66 -19.22 -11.22
N ARG A 217 -3.13 -18.39 -10.33
CA ARG A 217 -3.84 -17.98 -9.13
C ARG A 217 -3.63 -16.49 -8.92
N MET A 218 -4.47 -15.88 -8.09
CA MET A 218 -4.19 -14.55 -7.58
C MET A 218 -3.19 -14.63 -6.43
N GLY A 219 -2.61 -13.47 -6.09
CA GLY A 219 -1.70 -13.38 -4.96
C GLY A 219 -2.41 -13.20 -3.63
N GLN A 220 -1.62 -13.30 -2.53
CA GLN A 220 -2.13 -13.16 -1.17
C GLN A 220 -1.56 -11.90 -0.51
N PRO A 221 -2.35 -11.26 0.36
CA PRO A 221 -1.79 -10.16 1.19
C PRO A 221 -0.48 -10.51 1.88
N ALA A 222 -0.32 -11.77 2.33
CA ALA A 222 0.92 -12.16 3.01
C ALA A 222 2.12 -12.09 2.07
N GLU A 223 1.91 -12.32 0.78
CA GLU A 223 3.02 -12.24 -0.16
C GLU A 223 3.41 -10.79 -0.42
N VAL A 224 2.45 -9.88 -0.51
CA VAL A 224 2.79 -8.46 -0.52
C VAL A 224 3.50 -8.07 0.78
N GLY A 225 3.05 -8.64 1.91
CA GLY A 225 3.65 -8.30 3.18
C GLY A 225 5.12 -8.72 3.25
N ALA A 226 5.44 -9.91 2.74
CA ALA A 226 6.83 -10.36 2.74
C ALA A 226 7.69 -9.42 1.90
N ALA A 227 7.18 -9.00 0.74
CA ALA A 227 7.96 -8.09 -0.10
C ALA A 227 8.20 -6.77 0.63
N ALA A 228 7.22 -6.29 1.41
CA ALA A 228 7.39 -5.05 2.15
C ALA A 228 8.46 -5.19 3.24
N VAL A 229 8.43 -6.28 3.99
CA VAL A 229 9.43 -6.50 5.02
C VAL A 229 10.83 -6.58 4.40
N PHE A 230 10.94 -7.24 3.25
CA PHE A 230 12.23 -7.27 2.55
C PHE A 230 12.73 -5.87 2.23
N LEU A 231 11.88 -5.03 1.63
CA LEU A 231 12.28 -3.68 1.27
C LEU A 231 12.69 -2.89 2.50
N ALA A 232 11.98 -3.06 3.60
CA ALA A 232 12.29 -2.27 4.80
C ALA A 232 13.59 -2.74 5.43
N SER A 233 13.79 -4.06 5.54
CA SER A 233 14.78 -4.60 6.47
C SER A 233 16.05 -5.13 5.82
N GLU A 234 16.00 -5.51 4.54
CA GLU A 234 17.13 -6.17 3.90
C GLU A 234 17.50 -5.60 2.53
N ALA A 235 16.87 -4.52 2.09
CA ALA A 235 17.14 -3.99 0.75
C ALA A 235 17.92 -2.69 0.83
N ASN A 236 19.05 -2.68 1.54
CA ASN A 236 19.72 -1.42 1.87
C ASN A 236 20.34 -0.72 0.66
N PHE A 237 20.51 -1.41 -0.46
CA PHE A 237 21.02 -0.80 -1.69
C PHE A 237 19.90 -0.61 -2.71
N CYS A 238 18.64 -0.78 -2.31
CA CYS A 238 17.49 -0.56 -3.19
C CYS A 238 16.81 0.77 -2.85
N THR A 239 16.75 1.67 -3.81
CA THR A 239 15.93 2.86 -3.65
C THR A 239 15.35 3.21 -5.01
N GLY A 240 14.10 3.67 -5.01
CA GLY A 240 13.44 4.02 -6.25
C GLY A 240 13.06 2.84 -7.11
N ILE A 241 12.98 1.62 -6.54
CA ILE A 241 12.66 0.45 -7.35
C ILE A 241 11.15 0.20 -7.28
N GLU A 242 10.66 -0.53 -8.27
CA GLU A 242 9.25 -0.93 -8.37
C GLU A 242 9.26 -2.47 -8.30
N LEU A 243 8.90 -3.02 -7.14
CA LEU A 243 8.95 -4.45 -6.90
C LEU A 243 7.64 -5.10 -7.34
N LEU A 244 7.69 -5.91 -8.41
CA LEU A 244 6.49 -6.50 -8.97
C LEU A 244 6.08 -7.75 -8.19
N VAL A 245 4.83 -7.79 -7.75
CA VAL A 245 4.26 -8.94 -7.03
C VAL A 245 2.98 -9.31 -7.76
N THR A 246 3.13 -9.96 -8.92
CA THR A 246 2.07 -10.05 -9.92
C THR A 246 1.83 -11.46 -10.44
N GLY A 247 2.62 -12.44 -10.01
CA GLY A 247 2.48 -13.78 -10.56
C GLY A 247 2.82 -13.89 -12.04
N GLY A 248 3.54 -12.91 -12.58
CA GLY A 248 3.93 -12.91 -13.98
C GLY A 248 2.89 -12.38 -14.96
N ALA A 249 1.88 -11.66 -14.48
CA ALA A 249 0.80 -11.23 -15.36
C ALA A 249 1.29 -10.37 -16.52
N GLU A 250 2.41 -9.69 -16.35
CA GLU A 250 2.95 -8.80 -17.37
C GLU A 250 3.75 -9.54 -18.44
N LEU A 251 3.93 -10.85 -18.31
CA LEU A 251 4.80 -11.61 -19.21
C LEU A 251 4.01 -12.22 -20.36
N GLY A 252 4.59 -12.16 -21.55
CA GLY A 252 4.06 -12.90 -22.69
C GLY A 252 2.76 -12.34 -23.25
N TYR A 253 2.30 -13.00 -24.30
CA TYR A 253 1.08 -12.64 -25.00
C TYR A 253 -0.15 -13.21 -24.29
N GLY A 254 -1.26 -12.50 -24.42
CA GLY A 254 -2.52 -12.94 -23.84
C GLY A 254 -3.65 -12.46 -24.72
N CYS A 255 -4.84 -13.00 -24.47
CA CYS A 255 -6.03 -12.53 -25.17
C CYS A 255 -6.36 -11.12 -24.70
N LYS A 256 -6.09 -10.14 -25.54
CA LYS A 256 -6.43 -8.76 -25.26
C LYS A 256 -7.57 -8.35 -26.20
C2 BGC B . -8.16 -12.26 3.45
C3 BGC B . -8.81 -13.55 3.03
C4 BGC B . -9.99 -13.38 2.16
C5 BGC B . -9.77 -12.34 1.02
C6 BGC B . -11.17 -12.05 0.28
C1 BGC B . -7.96 -11.28 2.26
O1 BGC B . -7.47 -10.06 2.78
O2 BGC B . -6.89 -12.49 4.10
O3 BGC B . -9.23 -14.26 4.20
O4 BGC B . -10.31 -14.64 1.54
O5 BGC B . -9.22 -11.07 1.56
O6 BGC B . -12.05 -11.39 1.19
PA NAD C . -9.12 -3.08 0.48
O1A NAD C . -9.46 -4.49 0.74
O2A NAD C . -10.31 -2.24 0.05
O5B NAD C . -8.46 -2.38 1.76
C5B NAD C . -8.05 -1.00 1.74
C4B NAD C . -8.07 -0.50 3.15
O4B NAD C . -7.74 0.91 3.15
C3B NAD C . -9.43 -0.65 3.86
O3B NAD C . -9.28 -1.10 5.21
C2B NAD C . -9.98 0.77 3.82
O2B NAD C . -10.82 1.05 4.94
C1B NAD C . -8.70 1.59 3.93
N9A NAD C . -8.82 2.96 3.43
C8A NAD C . -9.50 3.40 2.33
N7A NAD C . -9.54 4.71 2.21
C5A NAD C . -8.82 5.16 3.30
C6A NAD C . -8.52 6.46 3.77
N6A NAD C . -8.95 7.58 3.18
N1A NAD C . -7.77 6.56 4.90
C2A NAD C . -7.36 5.44 5.50
N3A NAD C . -7.59 4.16 5.15
C4A NAD C . -8.34 4.09 4.05
O3 NAD C . -8.06 -2.95 -0.71
PN NAD C . -6.78 -3.82 -1.14
O1N NAD C . -7.17 -4.75 -2.23
O2N NAD C . -6.15 -4.38 0.08
O5D NAD C . -5.83 -2.68 -1.72
C5D NAD C . -4.87 -2.01 -0.88
C4D NAD C . -3.93 -1.25 -1.79
O4D NAD C . -3.38 -2.15 -2.77
C3D NAD C . -4.55 -0.09 -2.58
O3D NAD C . -3.61 0.99 -2.66
C2D NAD C . -4.81 -0.72 -3.95
O2D NAD C . -4.81 0.22 -5.02
C1D NAD C . -3.57 -1.60 -4.05
N1N NAD C . -3.63 -2.73 -5.07
C2N NAD C . -4.52 -3.72 -4.87
C3N NAD C . -4.56 -4.80 -5.74
C7N NAD C . -5.50 -5.96 -5.58
O7N NAD C . -5.54 -6.83 -6.46
N7N NAD C . -6.30 -5.99 -4.50
C4N NAD C . -3.66 -4.82 -6.80
C5N NAD C . -2.76 -3.79 -6.97
C6N NAD C . -2.76 -2.75 -6.09
C1 QPK D . -7.19 -5.54 -9.32
C2 QPK D . -7.38 -4.55 -8.36
C3 QPK D . -6.50 -3.50 -8.26
C4 QPK D . -5.38 -3.41 -9.09
C5 QPK D . -5.21 -4.43 -10.01
C QPK D . -6.09 -5.47 -10.15
O QPK D . -4.50 -2.38 -8.96
F QPK D . -4.08 -4.41 -10.76
F1 QPK D . -6.72 -2.54 -7.33
CL QPK D . -8.71 -4.66 -7.25
NA NA E . -2.07 -4.99 20.13
#